data_8VW1
#
_entry.id   8VW1
#
_cell.length_a   58.470
_cell.length_b   69.235
_cell.length_c   100.468
_cell.angle_alpha   90.00
_cell.angle_beta   90.00
_cell.angle_gamma   90.00
#
_symmetry.space_group_name_H-M   'P 21 21 21'
#
loop_
_entity.id
_entity.type
_entity.pdbx_description
1 polymer 'UDP-N-acetylmuramoylalanine--D-glutamate ligase'
2 non-polymer "ADENOSINE-5'-DIPHOSPHATE"
3 non-polymer 'MAGNESIUM ION'
4 non-polymer 'CALCIUM ION'
5 non-polymer (4S)-2-METHYL-2,4-PENTANEDIOL
6 non-polymer 'DIMETHYL SULFOXIDE'
7 water water
#
_entity_poly.entity_id   1
_entity_poly.type   'polypeptide(L)'
_entity_poly.pdbx_seq_one_letter_code
;MADYQGKNVVIIGLGLTGLSCVDFFLARGVTPRVMDTRMTPPGLDKLPEAVERHTGSLNDEWLMAADLIVASPGIALAHP
SLSAAADAGIEIVGDIELFCREAQAPIVAITGSNGKSTVTTLVGEMAKAAGVNVGVGGNIGLPALMLLDDECELYVLELS
SFQLETTSSLQAVAATILNVTEDHMDRYPFGLQQYRAA(KCX)LRIYENAKVCVVNADDALTMPIRGADERCVSFGVNMG
DYHLNHQQGETWLRVKGEKVLNVKEMKLSGQHNYTNALAALALADAAGLPRASSLKALTTFTGLPHRFEVVLEHNGVRWI
NDSKATNVGSTEAALNGLHVDGTLHLLLGGDGKSADFSPLARYLNGDNVRLYCFGRDGAQLAALRPEVAEQTETMEQAMR
LLAPRVQPGDMVLLSPACASLDQFKNFEQRGNEFARLAKELGGHHHHHH
;
_entity_poly.pdbx_strand_id   A
#
loop_
_chem_comp.id
_chem_comp.type
_chem_comp.name
_chem_comp.formula
ADP non-polymer ADENOSINE-5'-DIPHOSPHATE 'C10 H15 N5 O10 P2'
CA non-polymer 'CALCIUM ION' 'Ca 2'
DMS non-polymer 'DIMETHYL SULFOXIDE' 'C2 H6 O S'
MG non-polymer 'MAGNESIUM ION' 'Mg 2'
MPD non-polymer (4S)-2-METHYL-2,4-PENTANEDIOL 'C6 H14 O2'
#
# COMPACT_ATOMS: atom_id res chain seq x y z
N ALA A 2 17.57 -10.93 -20.09
CA ALA A 2 17.81 -12.36 -20.02
C ALA A 2 17.13 -13.07 -21.19
N ASP A 3 17.57 -14.30 -21.42
CA ASP A 3 17.20 -15.08 -22.59
C ASP A 3 16.45 -16.32 -22.12
N TYR A 4 15.20 -16.47 -22.56
CA TYR A 4 14.35 -17.59 -22.17
C TYR A 4 14.01 -18.52 -23.32
N GLN A 5 14.61 -18.31 -24.49
CA GLN A 5 14.29 -19.14 -25.64
C GLN A 5 14.55 -20.61 -25.36
N GLY A 6 13.61 -21.46 -25.76
CA GLY A 6 13.77 -22.87 -25.58
C GLY A 6 13.50 -23.38 -24.19
N LYS A 7 13.13 -22.52 -23.25
CA LYS A 7 12.89 -22.97 -21.88
C LYS A 7 11.45 -23.41 -21.69
N ASN A 8 11.26 -24.37 -20.80
CA ASN A 8 9.95 -24.78 -20.30
C ASN A 8 9.60 -23.87 -19.13
N VAL A 9 8.72 -22.91 -19.36
CA VAL A 9 8.36 -21.89 -18.38
C VAL A 9 6.95 -22.18 -17.89
N VAL A 10 6.77 -22.19 -16.57
CA VAL A 10 5.48 -22.45 -15.97
C VAL A 10 5.12 -21.28 -15.08
N ILE A 11 3.95 -20.69 -15.32
CA ILE A 11 3.44 -19.55 -14.56
C ILE A 11 2.32 -20.02 -13.65
N ILE A 12 2.37 -19.58 -12.39
CA ILE A 12 1.32 -19.84 -11.42
C ILE A 12 0.56 -18.53 -11.19
N GLY A 13 -0.73 -18.54 -11.53
CA GLY A 13 -1.60 -17.40 -11.32
C GLY A 13 -2.12 -16.87 -12.64
N LEU A 14 -3.44 -16.70 -12.70
CA LEU A 14 -4.10 -16.14 -13.87
C LEU A 14 -4.81 -14.84 -13.56
N GLY A 15 -4.39 -14.12 -12.51
CA GLY A 15 -4.78 -12.75 -12.33
C GLY A 15 -4.00 -11.90 -13.31
N LEU A 16 -4.14 -10.58 -13.17
CA LEU A 16 -3.48 -9.68 -14.11
C LEU A 16 -1.97 -9.84 -14.06
N THR A 17 -1.39 -10.12 -12.89
CA THR A 17 0.06 -10.33 -12.79
C THR A 17 0.49 -11.54 -13.62
N GLY A 18 -0.21 -12.66 -13.47
CA GLY A 18 0.16 -13.83 -14.25
C GLY A 18 -0.03 -13.59 -15.73
N LEU A 19 -1.10 -12.90 -16.09
CA LEU A 19 -1.31 -12.58 -17.50
C LEU A 19 -0.19 -11.71 -18.05
N SER A 20 0.30 -10.77 -17.24
CA SER A 20 1.39 -9.92 -17.70
C SER A 20 2.65 -10.76 -17.94
N CYS A 21 2.83 -11.81 -17.14
CA CYS A 21 3.95 -12.72 -17.37
C CYS A 21 3.74 -13.51 -18.66
N VAL A 22 2.50 -13.98 -18.93
CA VAL A 22 2.26 -14.65 -20.20
C VAL A 22 2.66 -13.75 -21.37
N ASP A 23 2.19 -12.50 -21.36
CA ASP A 23 2.51 -11.57 -22.43
C ASP A 23 4.01 -11.39 -22.57
N PHE A 24 4.70 -11.28 -21.45
CA PHE A 24 6.15 -11.09 -21.46
C PHE A 24 6.83 -12.20 -22.24
N PHE A 25 6.49 -13.44 -21.96
CA PHE A 25 7.14 -14.55 -22.67
C PHE A 25 6.70 -14.65 -24.11
N LEU A 26 5.40 -14.45 -24.39
CA LEU A 26 4.96 -14.51 -25.78
C LEU A 26 5.68 -13.46 -26.64
N ALA A 27 5.89 -12.27 -26.08
CA ALA A 27 6.57 -11.21 -26.81
C ALA A 27 8.01 -11.56 -27.11
N ARG A 28 8.55 -12.55 -26.40
CA ARG A 28 9.90 -13.06 -26.56
C ARG A 28 9.94 -14.40 -27.29
N GLY A 29 8.82 -14.83 -27.87
CA GLY A 29 8.79 -16.08 -28.62
C GLY A 29 8.80 -17.33 -27.77
N VAL A 30 8.43 -17.21 -26.51
CA VAL A 30 8.31 -18.34 -25.59
C VAL A 30 6.85 -18.53 -25.26
N THR A 31 6.35 -19.75 -25.43
CA THR A 31 4.99 -20.08 -25.04
C THR A 31 4.99 -20.77 -23.68
N PRO A 32 4.59 -20.09 -22.62
CA PRO A 32 4.61 -20.72 -21.30
C PRO A 32 3.38 -21.58 -21.10
N ARG A 33 3.42 -22.37 -20.03
CA ARG A 33 2.25 -23.03 -19.49
C ARG A 33 1.78 -22.25 -18.27
N VAL A 34 0.49 -22.30 -17.98
CA VAL A 34 -0.05 -21.53 -16.87
CA VAL A 34 -0.10 -21.51 -16.91
C VAL A 34 -1.01 -22.39 -16.08
N MET A 35 -1.04 -22.17 -14.78
CA MET A 35 -1.95 -22.88 -13.90
C MET A 35 -2.49 -21.92 -12.85
N ASP A 36 -3.65 -22.26 -12.32
CA ASP A 36 -4.31 -21.46 -11.28
C ASP A 36 -5.18 -22.41 -10.49
N THR A 37 -5.18 -22.24 -9.17
CA THR A 37 -5.96 -23.12 -8.30
C THR A 37 -7.45 -22.87 -8.41
N ARG A 38 -7.85 -21.68 -8.83
CA ARG A 38 -9.27 -21.43 -9.09
C ARG A 38 -9.72 -22.17 -10.35
N MET A 39 -10.95 -22.66 -10.32
CA MET A 39 -11.45 -23.42 -11.47
C MET A 39 -11.68 -22.50 -12.67
N THR A 40 -12.21 -21.30 -12.43
CA THR A 40 -12.53 -20.32 -13.47
C THR A 40 -11.93 -18.98 -13.12
N PRO A 41 -10.61 -18.85 -13.21
CA PRO A 41 -9.99 -17.55 -12.93
C PRO A 41 -10.44 -16.53 -13.94
N PRO A 42 -10.42 -15.25 -13.58
CA PRO A 42 -10.94 -14.23 -14.52
C PRO A 42 -10.13 -14.18 -15.81
N GLY A 43 -8.81 -14.29 -15.72
CA GLY A 43 -7.93 -14.16 -16.87
C GLY A 43 -7.99 -15.29 -17.87
N LEU A 44 -8.74 -16.34 -17.60
CA LEU A 44 -8.79 -17.46 -18.52
C LEU A 44 -9.15 -17.02 -19.93
N ASP A 45 -10.11 -16.13 -20.07
CA ASP A 45 -10.62 -15.82 -21.39
C ASP A 45 -9.83 -14.70 -22.07
N LYS A 46 -8.68 -14.31 -21.50
CA LYS A 46 -7.71 -13.47 -22.20
C LYS A 46 -6.54 -14.27 -22.75
N LEU A 47 -6.46 -15.57 -22.43
CA LEU A 47 -5.32 -16.35 -22.87
C LEU A 47 -5.42 -16.69 -24.35
N PRO A 48 -4.30 -16.78 -25.04
CA PRO A 48 -4.31 -17.25 -26.42
C PRO A 48 -4.48 -18.76 -26.47
N GLU A 49 -4.87 -19.25 -27.65
CA GLU A 49 -5.18 -20.67 -27.82
C GLU A 49 -3.96 -21.54 -27.54
N ALA A 50 -2.77 -21.06 -27.91
CA ALA A 50 -1.57 -21.87 -27.88
C ALA A 50 -1.05 -22.12 -26.46
N VAL A 51 -1.50 -21.37 -25.47
CA VAL A 51 -0.99 -21.47 -24.11
C VAL A 51 -1.74 -22.60 -23.41
N GLU A 52 -1.02 -23.66 -23.05
CA GLU A 52 -1.60 -24.75 -22.29
C GLU A 52 -1.90 -24.27 -20.88
N ARG A 53 -3.08 -24.67 -20.37
CA ARG A 53 -3.48 -24.17 -19.07
C ARG A 53 -4.13 -25.28 -18.24
N HIS A 54 -3.98 -25.14 -16.94
CA HIS A 54 -4.50 -26.10 -15.98
C HIS A 54 -5.12 -25.32 -14.85
N THR A 55 -6.41 -25.53 -14.61
CA THR A 55 -7.07 -24.79 -13.55
C THR A 55 -7.73 -25.73 -12.56
N GLY A 56 -8.05 -25.18 -11.40
CA GLY A 56 -8.73 -25.89 -10.34
C GLY A 56 -7.80 -26.51 -9.31
N SER A 57 -6.49 -26.40 -9.50
CA SER A 57 -5.47 -26.97 -8.61
C SER A 57 -4.15 -26.62 -9.26
N LEU A 58 -3.05 -26.89 -8.55
CA LEU A 58 -1.75 -26.82 -9.20
C LEU A 58 -1.46 -28.16 -9.89
N ASN A 59 -0.67 -28.10 -10.97
CA ASN A 59 -0.27 -29.30 -11.70
C ASN A 59 1.18 -29.60 -11.33
N ASP A 60 1.38 -30.58 -10.44
CA ASP A 60 2.71 -30.82 -9.92
C ASP A 60 3.67 -31.29 -11.00
N GLU A 61 3.22 -32.14 -11.93
CA GLU A 61 4.16 -32.64 -12.93
C GLU A 61 4.61 -31.52 -13.87
N TRP A 62 3.75 -30.53 -14.08
CA TRP A 62 4.20 -29.38 -14.87
C TRP A 62 5.26 -28.62 -14.10
N LEU A 63 5.09 -28.45 -12.80
CA LEU A 63 6.08 -27.73 -12.01
C LEU A 63 7.40 -28.49 -11.99
N MET A 64 7.35 -29.80 -11.78
CA MET A 64 8.57 -30.57 -11.66
C MET A 64 9.28 -30.73 -12.99
N ALA A 65 8.63 -30.42 -14.10
CA ALA A 65 9.25 -30.47 -15.43
C ALA A 65 9.78 -29.13 -15.88
N ALA A 66 9.52 -28.07 -15.11
CA ALA A 66 9.83 -26.71 -15.55
C ALA A 66 11.34 -26.43 -15.49
N ASP A 67 11.80 -25.56 -16.39
CA ASP A 67 13.10 -24.93 -16.24
C ASP A 67 13.01 -23.68 -15.39
N LEU A 68 11.83 -23.06 -15.38
CA LEU A 68 11.60 -21.83 -14.64
C LEU A 68 10.14 -21.80 -14.20
N ILE A 69 9.93 -21.55 -12.91
CA ILE A 69 8.61 -21.37 -12.35
C ILE A 69 8.45 -19.90 -12.01
N VAL A 70 7.38 -19.29 -12.50
CA VAL A 70 7.07 -17.88 -12.25
C VAL A 70 5.84 -17.86 -11.35
N ALA A 71 6.05 -17.56 -10.07
CA ALA A 71 5.01 -17.70 -9.06
C ALA A 71 4.34 -16.37 -8.78
N SER A 72 3.01 -16.35 -8.88
CA SER A 72 2.23 -15.21 -8.43
C SER A 72 2.61 -14.90 -7.00
N PRO A 73 2.54 -13.64 -6.59
CA PRO A 73 2.76 -13.36 -5.16
C PRO A 73 1.70 -14.01 -4.26
N GLY A 74 0.57 -14.44 -4.81
CA GLY A 74 -0.49 -15.04 -4.05
C GLY A 74 -0.29 -16.48 -3.63
N ILE A 75 0.81 -17.13 -4.01
CA ILE A 75 1.13 -18.45 -3.49
C ILE A 75 2.45 -18.38 -2.72
N ALA A 76 2.51 -19.06 -1.59
CA ALA A 76 3.70 -18.96 -0.74
C ALA A 76 4.79 -19.89 -1.23
N LEU A 77 6.03 -19.38 -1.24
CA LEU A 77 7.17 -20.28 -1.38
C LEU A 77 7.06 -21.50 -0.47
N ALA A 78 6.36 -21.37 0.67
CA ALA A 78 6.18 -22.44 1.64
C ALA A 78 5.10 -23.47 1.25
N HIS A 79 4.34 -23.22 0.18
CA HIS A 79 3.38 -24.21 -0.30
C HIS A 79 4.10 -25.52 -0.64
N PRO A 80 3.54 -26.68 -0.29
CA PRO A 80 4.28 -27.94 -0.51
C PRO A 80 4.74 -28.20 -1.94
N SER A 81 3.92 -27.88 -2.95
CA SER A 81 4.36 -28.09 -4.34
C SER A 81 5.57 -27.25 -4.68
N LEU A 82 5.59 -25.98 -4.26
CA LEU A 82 6.74 -25.13 -4.55
C LEU A 82 7.96 -25.55 -3.74
N SER A 83 7.77 -25.96 -2.49
CA SER A 83 8.91 -26.45 -1.72
C SER A 83 9.51 -27.67 -2.40
N ALA A 84 8.66 -28.55 -2.94
CA ALA A 84 9.18 -29.71 -3.64
C ALA A 84 9.94 -29.31 -4.89
N ALA A 85 9.44 -28.32 -5.64
CA ALA A 85 10.19 -27.87 -6.80
C ALA A 85 11.52 -27.26 -6.40
N ALA A 86 11.52 -26.43 -5.34
CA ALA A 86 12.76 -25.86 -4.86
C ALA A 86 13.73 -26.95 -4.43
N ASP A 87 13.23 -27.96 -3.69
CA ASP A 87 14.09 -29.05 -3.26
C ASP A 87 14.76 -29.74 -4.44
N ALA A 88 14.06 -29.83 -5.57
CA ALA A 88 14.61 -30.38 -6.81
C ALA A 88 15.55 -29.42 -7.53
N GLY A 89 15.76 -28.22 -6.99
CA GLY A 89 16.64 -27.27 -7.65
C GLY A 89 16.02 -26.48 -8.79
N ILE A 90 14.69 -26.46 -8.91
CA ILE A 90 14.07 -25.71 -9.98
C ILE A 90 14.01 -24.23 -9.60
N GLU A 91 14.38 -23.36 -10.52
CA GLU A 91 14.42 -21.93 -10.26
C GLU A 91 13.00 -21.38 -10.12
N ILE A 92 12.75 -20.64 -9.06
CA ILE A 92 11.46 -20.02 -8.81
C ILE A 92 11.67 -18.51 -8.74
N VAL A 93 10.97 -17.77 -9.60
CA VAL A 93 11.05 -16.31 -9.60
C VAL A 93 9.63 -15.76 -9.57
N GLY A 94 9.52 -14.43 -9.42
CA GLY A 94 8.27 -13.74 -9.61
C GLY A 94 8.32 -12.73 -10.73
N ASP A 95 7.19 -12.05 -10.93
CA ASP A 95 7.13 -11.05 -11.99
C ASP A 95 8.14 -9.92 -11.78
N ILE A 96 8.38 -9.54 -10.55
CA ILE A 96 9.29 -8.43 -10.32
C ILE A 96 10.72 -8.84 -10.67
N GLU A 97 11.07 -10.08 -10.39
CA GLU A 97 12.39 -10.57 -10.79
C GLU A 97 12.54 -10.51 -12.30
N LEU A 98 11.51 -10.96 -13.03
CA LEU A 98 11.56 -10.87 -14.49
C LEU A 98 11.74 -9.41 -14.91
N PHE A 99 11.01 -8.50 -14.27
CA PHE A 99 11.10 -7.08 -14.59
C PHE A 99 12.50 -6.53 -14.34
N CYS A 100 13.07 -6.83 -13.16
CA CYS A 100 14.37 -6.27 -12.82
C CYS A 100 15.48 -6.73 -13.78
N ARG A 101 15.36 -7.94 -14.34
CA ARG A 101 16.37 -8.39 -15.28
C ARG A 101 16.32 -7.62 -16.60
N GLU A 102 15.18 -6.97 -16.90
CA GLU A 102 14.99 -6.30 -18.18
C GLU A 102 14.94 -4.79 -18.07
N ALA A 103 14.80 -4.25 -16.88
CA ALA A 103 14.59 -2.83 -16.75
C ALA A 103 15.86 -2.09 -17.13
N GLN A 104 15.71 -1.04 -17.92
CA GLN A 104 16.84 -0.28 -18.42
C GLN A 104 16.79 1.17 -17.98
N ALA A 105 16.00 1.48 -16.98
CA ALA A 105 15.99 2.80 -16.37
C ALA A 105 16.06 2.60 -14.88
N PRO A 106 16.42 3.64 -14.13
CA PRO A 106 16.45 3.52 -12.67
C PRO A 106 15.10 3.18 -12.08
N ILE A 107 15.15 2.47 -10.96
CA ILE A 107 13.96 1.98 -10.25
C ILE A 107 13.94 2.59 -8.86
N VAL A 108 12.85 3.25 -8.55
CA VAL A 108 12.48 3.62 -7.19
C VAL A 108 11.51 2.56 -6.67
N ALA A 109 11.84 1.96 -5.54
CA ALA A 109 11.12 0.78 -5.03
C ALA A 109 10.53 1.06 -3.66
N ILE A 110 9.25 0.84 -3.53
CA ILE A 110 8.50 1.22 -2.33
C ILE A 110 7.76 0.01 -1.77
N THR A 111 8.01 -0.35 -0.51
CA THR A 111 7.22 -1.34 0.19
C THR A 111 6.86 -0.79 1.58
N GLY A 112 6.15 -1.58 2.36
CA GLY A 112 5.66 -1.20 3.67
C GLY A 112 4.25 -1.70 3.84
N SER A 113 3.82 -1.79 5.10
CA SER A 113 2.53 -2.35 5.41
C SER A 113 1.39 -1.52 4.84
N ASN A 114 1.52 -0.19 4.93
CA ASN A 114 0.50 0.74 4.48
C ASN A 114 1.16 2.00 3.92
N GLY A 115 0.48 2.65 2.96
CA GLY A 115 1.02 3.85 2.31
C GLY A 115 1.70 3.63 0.99
N LYS A 116 1.80 2.39 0.52
CA LYS A 116 2.62 2.14 -0.66
C LYS A 116 2.07 2.87 -1.89
N SER A 117 0.76 2.72 -2.17
CA SER A 117 0.22 3.30 -3.40
C SER A 117 0.23 4.83 -3.32
N THR A 118 -0.02 5.39 -2.14
CA THR A 118 0.06 6.85 -2.02
C THR A 118 1.46 7.34 -2.35
N VAL A 119 2.49 6.74 -1.73
CA VAL A 119 3.84 7.23 -1.93
C VAL A 119 4.31 6.97 -3.35
N THR A 120 3.99 5.78 -3.90
CA THR A 120 4.35 5.47 -5.28
C THR A 120 3.73 6.48 -6.26
N THR A 121 2.44 6.76 -6.09
CA THR A 121 1.78 7.73 -6.94
C THR A 121 2.38 9.11 -6.81
N LEU A 122 2.72 9.51 -5.59
CA LEU A 122 3.29 10.83 -5.35
C LEU A 122 4.68 10.95 -5.98
N VAL A 123 5.54 9.94 -5.83
CA VAL A 123 6.83 10.00 -6.51
C VAL A 123 6.60 10.09 -8.02
N GLY A 124 5.64 9.32 -8.53
CA GLY A 124 5.32 9.42 -9.95
C GLY A 124 4.91 10.82 -10.37
N GLU A 125 4.11 11.51 -9.54
CA GLU A 125 3.75 12.89 -9.87
C GLU A 125 4.95 13.83 -9.82
N MET A 126 5.87 13.61 -8.88
CA MET A 126 7.10 14.40 -8.84
C MET A 126 7.89 14.22 -10.12
N ALA A 127 7.96 12.99 -10.62
CA ALA A 127 8.65 12.77 -11.88
C ALA A 127 7.91 13.45 -13.03
N LYS A 128 6.59 13.35 -13.05
CA LYS A 128 5.84 13.95 -14.15
C LYS A 128 6.03 15.47 -14.16
N ALA A 129 6.10 16.09 -12.97
CA ALA A 129 6.29 17.52 -12.87
C ALA A 129 7.67 17.93 -13.38
N ALA A 130 8.61 17.03 -13.38
CA ALA A 130 9.91 17.27 -13.98
C ALA A 130 9.93 16.95 -15.45
N GLY A 131 8.82 16.46 -16.02
CA GLY A 131 8.81 16.12 -17.41
C GLY A 131 9.39 14.78 -17.76
N VAL A 132 9.52 13.91 -16.79
CA VAL A 132 10.09 12.58 -16.97
C VAL A 132 9.02 11.63 -17.47
N ASN A 133 9.36 10.79 -18.46
CA ASN A 133 8.43 9.73 -18.86
C ASN A 133 8.60 8.60 -17.86
N VAL A 134 7.81 8.65 -16.81
CA VAL A 134 7.91 7.76 -15.65
C VAL A 134 6.89 6.65 -15.80
N GLY A 135 7.28 5.47 -15.40
CA GLY A 135 6.38 4.32 -15.41
C GLY A 135 6.10 3.94 -13.97
N VAL A 136 4.83 4.02 -13.56
CA VAL A 136 4.39 3.83 -12.18
C VAL A 136 3.51 2.58 -12.13
N GLY A 137 3.84 1.64 -11.25
CA GLY A 137 3.07 0.42 -11.24
C GLY A 137 3.57 -0.53 -10.19
N GLY A 138 3.21 -1.79 -10.36
CA GLY A 138 3.53 -2.83 -9.41
C GLY A 138 2.34 -3.31 -8.59
N ASN A 139 1.29 -2.51 -8.48
CA ASN A 139 0.07 -2.97 -7.82
C ASN A 139 -0.66 -3.96 -8.74
N ILE A 140 -1.68 -4.61 -8.20
CA ILE A 140 -2.32 -5.63 -9.00
C ILE A 140 -3.03 -5.03 -10.21
N GLY A 141 -3.38 -3.75 -10.17
CA GLY A 141 -4.04 -3.15 -11.31
C GLY A 141 -3.10 -2.72 -12.43
N LEU A 142 -1.80 -2.63 -12.17
CA LEU A 142 -0.83 -2.22 -13.20
C LEU A 142 0.46 -2.98 -12.96
N PRO A 143 0.51 -4.25 -13.37
CA PRO A 143 1.69 -5.06 -13.07
C PRO A 143 2.94 -4.47 -13.71
N ALA A 144 4.05 -4.57 -13.00
CA ALA A 144 5.30 -3.95 -13.44
C ALA A 144 5.69 -4.34 -14.87
N LEU A 145 5.54 -5.62 -15.24
CA LEU A 145 5.96 -6.00 -16.60
C LEU A 145 5.26 -5.19 -17.67
N MET A 146 4.04 -4.73 -17.42
CA MET A 146 3.35 -3.94 -18.44
C MET A 146 4.00 -2.58 -18.63
N LEU A 147 4.87 -2.17 -17.72
CA LEU A 147 5.55 -0.88 -17.84
C LEU A 147 6.80 -0.93 -18.71
N LEU A 148 7.38 -2.10 -18.92
CA LEU A 148 8.67 -2.18 -19.59
C LEU A 148 8.60 -1.54 -20.96
N ASP A 149 9.46 -0.57 -21.18
CA ASP A 149 9.52 0.11 -22.46
C ASP A 149 10.85 0.84 -22.57
N ASP A 150 11.46 0.77 -23.75
CA ASP A 150 12.77 1.41 -23.88
C ASP A 150 12.66 2.93 -23.78
N GLU A 151 11.45 3.47 -23.93
CA GLU A 151 11.24 4.91 -23.81
C GLU A 151 11.10 5.37 -22.36
N CYS A 152 10.90 4.46 -21.43
CA CYS A 152 10.72 4.82 -20.03
C CYS A 152 12.04 5.32 -19.44
N GLU A 153 11.95 6.41 -18.66
CA GLU A 153 13.12 7.07 -18.12
C GLU A 153 13.29 6.84 -16.63
N LEU A 154 12.26 6.34 -15.97
CA LEU A 154 12.25 6.09 -14.54
C LEU A 154 11.11 5.15 -14.25
N TYR A 155 11.35 4.14 -13.40
CA TYR A 155 10.29 3.29 -12.91
C TYR A 155 10.09 3.52 -11.43
N VAL A 156 8.83 3.59 -11.03
CA VAL A 156 8.44 3.73 -9.65
C VAL A 156 7.51 2.55 -9.33
N LEU A 157 7.97 1.64 -8.48
CA LEU A 157 7.25 0.41 -8.20
C LEU A 157 6.78 0.31 -6.75
N GLU A 158 5.50 -0.01 -6.59
CA GLU A 158 4.95 -0.50 -5.34
C GLU A 158 5.22 -2.00 -5.29
N LEU A 159 5.91 -2.46 -4.23
CA LEU A 159 6.28 -3.87 -4.10
C LEU A 159 5.73 -4.43 -2.80
N SER A 160 5.11 -5.60 -2.87
CA SER A 160 4.61 -6.27 -1.69
C SER A 160 5.72 -7.12 -1.06
N SER A 161 5.51 -7.50 0.19
CA SER A 161 6.46 -8.44 0.78
C SER A 161 6.50 -9.74 -0.03
N PHE A 162 5.35 -10.16 -0.53
CA PHE A 162 5.30 -11.40 -1.29
C PHE A 162 6.14 -11.33 -2.56
N GLN A 163 6.06 -10.22 -3.27
CA GLN A 163 6.89 -10.06 -4.47
C GLN A 163 8.37 -10.03 -4.12
N LEU A 164 8.73 -9.37 -3.01
CA LEU A 164 10.14 -9.28 -2.66
C LEU A 164 10.72 -10.65 -2.35
N GLU A 165 9.90 -11.58 -1.82
CA GLU A 165 10.42 -12.92 -1.50
C GLU A 165 10.99 -13.64 -2.71
N THR A 166 10.47 -13.37 -3.90
CA THR A 166 10.91 -14.07 -5.09
C THR A 166 11.81 -13.23 -5.98
N THR A 167 12.31 -12.12 -5.47
CA THR A 167 13.09 -11.16 -6.24
C THR A 167 14.51 -11.17 -5.71
N SER A 168 15.48 -11.32 -6.59
CA SER A 168 16.90 -11.28 -6.21
C SER A 168 17.73 -10.23 -6.97
N SER A 169 17.20 -9.64 -8.03
CA SER A 169 17.98 -8.81 -8.94
C SER A 169 17.64 -7.33 -8.86
N LEU A 170 16.87 -6.91 -7.87
CA LEU A 170 16.54 -5.49 -7.78
C LEU A 170 17.75 -4.70 -7.33
N GLN A 171 18.06 -3.62 -8.06
CA GLN A 171 19.12 -2.69 -7.68
C GLN A 171 18.52 -1.28 -7.71
N ALA A 172 17.75 -0.94 -6.68
CA ALA A 172 17.02 0.32 -6.70
C ALA A 172 17.97 1.51 -6.57
N VAL A 173 17.66 2.62 -7.29
CA VAL A 173 18.37 3.87 -7.04
C VAL A 173 17.96 4.42 -5.69
N ALA A 174 16.72 4.14 -5.27
CA ALA A 174 16.23 4.51 -3.95
C ALA A 174 15.12 3.55 -3.56
N ALA A 175 15.16 3.10 -2.32
CA ALA A 175 14.22 2.12 -1.82
C ALA A 175 13.77 2.51 -0.41
N THR A 176 12.52 2.22 -0.10
CA THR A 176 11.98 2.46 1.25
C THR A 176 11.14 1.28 1.71
N ILE A 177 11.20 1.03 3.03
CA ILE A 177 10.15 0.35 3.78
C ILE A 177 9.45 1.42 4.59
N LEU A 178 8.19 1.71 4.27
CA LEU A 178 7.51 2.84 4.91
C LEU A 178 7.20 2.57 6.37
N ASN A 179 6.83 1.33 6.70
CA ASN A 179 6.40 0.93 8.04
C ASN A 179 6.20 -0.57 7.99
N VAL A 180 6.18 -1.18 9.18
CA VAL A 180 5.93 -2.61 9.33
C VAL A 180 4.98 -2.80 10.49
N THR A 181 3.77 -3.30 10.22
CA THR A 181 2.83 -3.56 11.30
C THR A 181 2.29 -4.97 11.15
N GLU A 182 1.87 -5.52 12.28
CA GLU A 182 1.35 -6.89 12.36
C GLU A 182 0.20 -7.10 11.39
N ASP A 183 0.53 -7.58 10.19
CA ASP A 183 -0.47 -7.96 9.21
C ASP A 183 0.09 -9.07 8.34
N HIS A 184 -0.79 -9.68 7.55
CA HIS A 184 -0.38 -10.71 6.60
C HIS A 184 0.16 -11.95 7.32
N MET A 185 -0.30 -12.17 8.56
CA MET A 185 0.35 -13.16 9.41
C MET A 185 0.02 -14.60 9.03
N ASP A 186 -1.00 -14.84 8.19
CA ASP A 186 -1.20 -16.19 7.69
C ASP A 186 -0.02 -16.65 6.84
N ARG A 187 0.64 -15.72 6.14
CA ARG A 187 1.78 -16.04 5.29
C ARG A 187 3.10 -16.04 6.03
N TYR A 188 3.15 -15.53 7.27
CA TYR A 188 4.40 -15.37 8.00
C TYR A 188 4.23 -16.01 9.37
N PRO A 189 4.26 -17.35 9.43
CA PRO A 189 3.98 -18.06 10.69
C PRO A 189 5.03 -17.85 11.78
N PHE A 190 6.21 -17.34 11.45
CA PHE A 190 7.22 -17.06 12.46
C PHE A 190 7.18 -15.61 12.92
N GLY A 191 6.13 -14.88 12.59
CA GLY A 191 5.87 -13.62 13.23
C GLY A 191 6.42 -12.42 12.51
N LEU A 192 6.43 -11.33 13.28
CA LEU A 192 6.73 -10.03 12.71
C LEU A 192 8.11 -9.98 12.08
N GLN A 193 9.11 -10.67 12.67
CA GLN A 193 10.45 -10.54 12.12
C GLN A 193 10.59 -11.29 10.79
N GLN A 194 9.76 -12.32 10.56
CA GLN A 194 9.76 -12.99 9.27
C GLN A 194 9.10 -12.14 8.19
N TYR A 195 8.00 -11.50 8.53
CA TYR A 195 7.38 -10.55 7.61
C TYR A 195 8.35 -9.44 7.28
N ARG A 196 9.03 -8.91 8.30
CA ARG A 196 10.04 -7.90 8.09
C ARG A 196 11.14 -8.37 7.17
N ALA A 197 11.61 -9.61 7.35
CA ALA A 197 12.75 -10.11 6.56
C ALA A 197 12.46 -10.03 5.08
N ALA A 198 11.22 -10.33 4.69
CA ALA A 198 10.83 -10.23 3.28
C ALA A 198 10.96 -8.79 2.78
N KCX A 199 10.47 -7.84 3.57
CA KCX A 199 10.56 -6.45 3.15
CB KCX A 199 9.73 -5.56 4.05
CG KCX A 199 8.22 -5.79 3.93
CD KCX A 199 7.37 -4.71 4.62
CE KCX A 199 5.85 -4.84 4.40
NZ KCX A 199 5.41 -4.89 3.04
C KCX A 199 12.02 -5.97 3.09
O KCX A 199 12.38 -5.19 2.22
CX KCX A 199 4.12 -5.27 2.60
OQ1 KCX A 199 3.93 -5.27 1.37
OQ2 KCX A 199 3.29 -5.58 3.47
N LEU A 200 12.83 -6.45 4.02
CA LEU A 200 14.23 -6.01 4.11
C LEU A 200 15.00 -6.32 2.82
N ARG A 201 14.52 -7.28 2.04
CA ARG A 201 15.16 -7.58 0.76
C ARG A 201 15.21 -6.38 -0.17
N ILE A 202 14.32 -5.42 0.01
CA ILE A 202 14.24 -4.29 -0.92
C ILE A 202 15.53 -3.45 -0.84
N TYR A 203 16.22 -3.49 0.29
CA TYR A 203 17.42 -2.67 0.45
C TYR A 203 18.66 -3.33 -0.14
N GLU A 204 18.56 -4.59 -0.51
CA GLU A 204 19.73 -5.28 -1.04
C GLU A 204 20.14 -4.62 -2.35
N ASN A 205 21.38 -4.16 -2.40
CA ASN A 205 21.91 -3.48 -3.56
C ASN A 205 21.18 -2.18 -3.89
N ALA A 206 20.41 -1.58 -2.95
CA ALA A 206 19.86 -0.25 -3.17
C ALA A 206 20.94 0.80 -2.95
N LYS A 207 20.93 1.85 -3.77
CA LYS A 207 21.95 2.90 -3.63
C LYS A 207 21.67 3.77 -2.41
N VAL A 208 20.40 4.05 -2.15
CA VAL A 208 19.93 4.88 -1.04
C VAL A 208 18.77 4.17 -0.39
N CYS A 209 18.77 4.13 0.93
CA CYS A 209 17.71 3.52 1.70
C CYS A 209 17.01 4.62 2.45
N VAL A 210 15.73 4.79 2.17
CA VAL A 210 14.90 5.77 2.84
C VAL A 210 14.13 5.05 3.93
N VAL A 211 14.46 5.37 5.17
CA VAL A 211 13.99 4.65 6.34
C VAL A 211 13.08 5.54 7.18
N ASN A 212 12.25 4.90 7.97
CA ASN A 212 11.28 5.58 8.81
C ASN A 212 11.92 5.73 10.20
N ALA A 213 12.27 6.97 10.57
CA ALA A 213 12.88 7.24 11.85
C ALA A 213 12.00 6.85 13.02
N ASP A 214 10.70 6.73 12.81
CA ASP A 214 9.79 6.35 13.88
C ASP A 214 9.50 4.85 13.95
N ASP A 215 10.05 4.07 13.03
CA ASP A 215 9.77 2.62 12.95
C ASP A 215 11.06 1.85 12.73
N ALA A 216 11.64 1.35 13.80
CA ALA A 216 12.94 0.68 13.70
C ALA A 216 12.89 -0.58 12.84
N LEU A 217 11.71 -1.17 12.64
CA LEU A 217 11.67 -2.34 11.75
C LEU A 217 11.95 -1.97 10.30
N THR A 218 11.92 -0.67 9.93
CA THR A 218 12.27 -0.26 8.59
C THR A 218 13.78 -0.10 8.38
N MET A 219 14.58 -0.28 9.41
CA MET A 219 16.01 -0.12 9.22
C MET A 219 16.57 -1.35 8.51
N PRO A 220 17.60 -1.19 7.70
CA PRO A 220 18.22 -2.35 7.07
C PRO A 220 18.70 -3.38 8.10
N ILE A 221 18.87 -4.61 7.62
CA ILE A 221 18.97 -5.73 8.55
C ILE A 221 20.21 -5.60 9.43
N ARG A 222 21.31 -5.09 8.89
CA ARG A 222 22.51 -4.92 9.69
C ARG A 222 22.60 -3.53 10.32
N GLY A 223 21.54 -2.74 10.25
CA GLY A 223 21.45 -1.46 10.93
C GLY A 223 21.59 -0.30 9.97
N ALA A 224 21.48 0.91 10.51
CA ALA A 224 21.69 2.09 9.68
C ALA A 224 23.10 2.09 9.11
N ASP A 225 23.23 2.56 7.87
CA ASP A 225 24.54 2.65 7.24
C ASP A 225 24.60 3.95 6.44
N GLU A 226 25.71 4.14 5.75
CA GLU A 226 25.95 5.37 5.00
C GLU A 226 24.95 5.60 3.89
N ARG A 227 24.14 4.61 3.52
CA ARG A 227 23.16 4.78 2.47
C ARG A 227 21.84 5.36 2.97
N CYS A 228 21.67 5.43 4.28
CA CYS A 228 20.35 5.63 4.87
C CYS A 228 20.05 7.11 5.01
N VAL A 229 18.82 7.45 4.65
N VAL A 229 18.84 7.50 4.63
CA VAL A 229 18.20 8.76 4.77
CA VAL A 229 18.31 8.83 4.91
C VAL A 229 16.91 8.52 5.54
C VAL A 229 16.91 8.64 5.47
N SER A 230 16.63 9.32 6.58
CA SER A 230 15.42 9.06 7.34
C SER A 230 14.35 10.12 7.16
N PHE A 231 13.10 9.67 7.31
CA PHE A 231 11.95 10.56 7.47
C PHE A 231 11.24 10.23 8.76
N GLY A 232 10.59 11.23 9.35
CA GLY A 232 9.94 11.01 10.62
C GLY A 232 9.05 12.18 10.99
N VAL A 233 8.35 12.03 12.11
CA VAL A 233 7.50 13.11 12.58
C VAL A 233 8.33 14.17 13.31
N ASN A 234 9.01 13.77 14.40
CA ASN A 234 9.68 14.78 15.22
C ASN A 234 11.10 15.09 14.78
N MET A 235 11.77 14.13 14.14
CA MET A 235 13.15 14.34 13.74
C MET A 235 13.49 13.35 12.62
N GLY A 236 14.69 13.49 12.08
CA GLY A 236 15.12 12.79 10.89
C GLY A 236 15.59 13.75 9.82
N ASP A 237 16.24 13.19 8.78
CA ASP A 237 16.67 14.03 7.66
C ASP A 237 15.50 14.82 7.10
N TYR A 238 14.36 14.20 7.03
CA TYR A 238 13.09 14.77 6.56
C TYR A 238 12.12 14.63 7.71
N HIS A 239 11.58 15.75 8.22
CA HIS A 239 10.65 15.63 9.34
C HIS A 239 9.64 16.76 9.28
N LEU A 240 8.74 16.79 10.28
CA LEU A 240 7.69 17.79 10.41
C LEU A 240 8.03 18.79 11.52
N ASN A 241 7.72 20.07 11.27
CA ASN A 241 7.91 21.17 12.23
C ASN A 241 6.55 21.80 12.45
N HIS A 242 6.09 21.83 13.71
CA HIS A 242 4.86 22.51 14.05
C HIS A 242 5.19 23.67 14.97
N GLN A 243 4.79 24.87 14.58
CA GLN A 243 5.06 26.05 15.38
C GLN A 243 3.95 27.06 15.15
N GLN A 244 3.53 27.74 16.21
CA GLN A 244 2.57 28.84 16.11
C GLN A 244 1.36 28.46 15.26
N GLY A 245 0.85 27.25 15.46
CA GLY A 245 -0.34 26.78 14.76
C GLY A 245 -0.15 26.23 13.35
N GLU A 246 1.05 26.33 12.79
CA GLU A 246 1.30 25.88 11.42
C GLU A 246 2.26 24.71 11.41
N THR A 247 2.31 24.01 10.27
CA THR A 247 3.17 22.83 10.09
C THR A 247 3.92 22.95 8.77
N TRP A 248 5.21 22.62 8.81
CA TRP A 248 6.07 22.68 7.64
C TRP A 248 6.77 21.34 7.48
N LEU A 249 6.98 20.98 6.24
CA LEU A 249 7.95 19.95 5.93
C LEU A 249 9.32 20.56 6.09
N ARG A 250 10.23 19.79 6.72
CA ARG A 250 11.59 20.27 7.01
C ARG A 250 12.57 19.23 6.49
N VAL A 251 13.60 19.68 5.80
CA VAL A 251 14.59 18.80 5.20
C VAL A 251 15.97 19.31 5.60
N LYS A 252 16.74 18.46 6.27
CA LYS A 252 18.12 18.79 6.67
C LYS A 252 18.19 20.15 7.35
N GLY A 253 17.26 20.35 8.28
CA GLY A 253 17.26 21.54 9.10
C GLY A 253 16.65 22.77 8.47
N GLU A 254 15.99 22.65 7.33
CA GLU A 254 15.42 23.79 6.62
C GLU A 254 13.96 23.50 6.29
N LYS A 255 13.06 24.42 6.65
CA LYS A 255 11.70 24.35 6.13
C LYS A 255 11.74 24.44 4.63
N VAL A 256 10.94 23.58 3.97
CA VAL A 256 10.83 23.59 2.52
C VAL A 256 9.41 23.88 2.04
N LEU A 257 8.39 23.68 2.87
CA LEU A 257 7.03 23.83 2.40
C LEU A 257 6.09 23.90 3.57
N ASN A 258 5.21 24.88 3.54
CA ASN A 258 4.11 24.93 4.49
C ASN A 258 3.04 23.94 4.02
N VAL A 259 2.59 23.06 4.92
CA VAL A 259 1.66 22.01 4.51
C VAL A 259 0.32 22.58 4.04
N LYS A 260 0.03 23.84 4.34
CA LYS A 260 -1.20 24.44 3.83
C LYS A 260 -1.16 24.57 2.32
N GLU A 261 0.01 24.41 1.70
CA GLU A 261 0.12 24.43 0.25
C GLU A 261 -0.26 23.09 -0.37
N MET A 262 -0.34 22.05 0.45
CA MET A 262 -0.67 20.72 0.00
C MET A 262 -2.17 20.50 0.02
N LYS A 263 -2.62 19.49 -0.71
CA LYS A 263 -4.01 19.11 -0.73
C LYS A 263 -4.32 17.92 0.17
N LEU A 264 -3.29 17.21 0.61
CA LEU A 264 -3.48 16.06 1.49
C LEU A 264 -3.68 16.52 2.94
N SER A 265 -4.35 15.65 3.71
CA SER A 265 -4.62 15.84 5.12
C SER A 265 -4.05 14.66 5.90
N GLY A 266 -3.76 14.92 7.19
CA GLY A 266 -3.33 13.87 8.08
C GLY A 266 -1.83 13.80 8.25
N GLN A 267 -1.38 13.70 9.50
CA GLN A 267 0.04 13.57 9.76
C GLN A 267 0.69 12.44 8.98
N HIS A 268 0.01 11.28 8.84
CA HIS A 268 0.64 10.20 8.12
C HIS A 268 0.78 10.53 6.64
N ASN A 269 -0.12 11.34 6.09
CA ASN A 269 0.10 11.75 4.71
C ASN A 269 1.23 12.78 4.61
N TYR A 270 1.45 13.58 5.65
CA TYR A 270 2.62 14.45 5.64
C TYR A 270 3.92 13.66 5.68
N THR A 271 3.97 12.55 6.46
CA THR A 271 5.19 11.74 6.42
C THR A 271 5.30 10.97 5.12
N ASN A 272 4.16 10.60 4.50
CA ASN A 272 4.23 10.04 3.14
C ASN A 272 4.84 11.03 2.16
N ALA A 273 4.48 12.32 2.29
CA ALA A 273 5.05 13.34 1.43
C ALA A 273 6.56 13.45 1.64
N LEU A 274 7.01 13.35 2.89
CA LEU A 274 8.42 13.38 3.20
C LEU A 274 9.14 12.19 2.60
N ALA A 275 8.60 10.99 2.77
CA ALA A 275 9.23 9.82 2.19
C ALA A 275 9.32 9.94 0.68
N ALA A 276 8.25 10.40 0.04
CA ALA A 276 8.27 10.61 -1.42
C ALA A 276 9.36 11.61 -1.81
N LEU A 277 9.44 12.74 -1.09
CA LEU A 277 10.45 13.73 -1.42
C LEU A 277 11.84 13.16 -1.26
N ALA A 278 12.06 12.38 -0.19
CA ALA A 278 13.37 11.77 0.00
C ALA A 278 13.71 10.85 -1.16
N LEU A 279 12.74 10.05 -1.61
CA LEU A 279 12.99 9.13 -2.71
C LEU A 279 13.28 9.89 -4.00
N ALA A 280 12.49 10.93 -4.27
CA ALA A 280 12.67 11.74 -5.47
C ALA A 280 14.03 12.42 -5.47
N ASP A 281 14.39 13.03 -4.34
CA ASP A 281 15.70 13.64 -4.18
C ASP A 281 16.81 12.64 -4.48
N ALA A 282 16.69 11.44 -3.91
CA ALA A 282 17.71 10.39 -4.08
C ALA A 282 17.76 9.90 -5.51
N ALA A 283 16.63 9.93 -6.21
CA ALA A 283 16.58 9.52 -7.60
C ALA A 283 17.14 10.58 -8.55
N GLY A 284 17.43 11.77 -8.06
CA GLY A 284 17.95 12.83 -8.91
C GLY A 284 16.89 13.72 -9.54
N LEU A 285 15.68 13.69 -9.04
CA LEU A 285 14.64 14.57 -9.56
C LEU A 285 14.82 15.97 -8.98
N PRO A 286 14.59 17.02 -9.78
CA PRO A 286 14.79 18.38 -9.27
C PRO A 286 13.85 18.69 -8.10
N ARG A 287 14.42 19.33 -7.10
CA ARG A 287 13.67 19.62 -5.90
C ARG A 287 12.47 20.52 -6.19
N ALA A 288 12.65 21.50 -7.07
CA ALA A 288 11.61 22.49 -7.28
C ALA A 288 10.36 21.86 -7.85
N SER A 289 10.52 20.98 -8.85
CA SER A 289 9.36 20.32 -9.42
C SER A 289 8.76 19.29 -8.47
N SER A 290 9.58 18.70 -7.59
CA SER A 290 9.01 17.75 -6.65
C SER A 290 8.14 18.47 -5.64
N LEU A 291 8.55 19.66 -5.21
CA LEU A 291 7.71 20.44 -4.31
C LEU A 291 6.44 20.91 -5.03
N LYS A 292 6.55 21.25 -6.32
CA LYS A 292 5.35 21.65 -7.04
C LYS A 292 4.35 20.50 -7.06
N ALA A 293 4.83 19.27 -7.21
CA ALA A 293 3.93 18.12 -7.22
C ALA A 293 3.22 17.97 -5.88
N LEU A 294 3.90 18.28 -4.79
CA LEU A 294 3.25 18.23 -3.48
C LEU A 294 2.08 19.19 -3.39
N THR A 295 2.10 20.28 -4.16
CA THR A 295 0.99 21.22 -4.09
C THR A 295 -0.16 20.85 -5.01
N THR A 296 0.07 19.99 -6.01
CA THR A 296 -0.98 19.61 -6.93
C THR A 296 -1.53 18.21 -6.68
N PHE A 297 -0.76 17.33 -6.04
CA PHE A 297 -1.25 15.97 -5.78
C PHE A 297 -2.52 15.95 -4.93
N THR A 298 -3.58 15.37 -5.50
CA THR A 298 -4.88 15.32 -4.83
C THR A 298 -5.00 14.20 -3.81
N GLY A 299 -4.15 13.19 -3.88
CA GLY A 299 -4.35 11.99 -3.10
C GLY A 299 -5.24 11.01 -3.85
N LEU A 300 -5.26 9.77 -3.33
CA LEU A 300 -6.01 8.71 -3.97
C LEU A 300 -7.36 8.53 -3.28
N PRO A 301 -8.37 8.10 -4.03
CA PRO A 301 -9.70 7.96 -3.43
C PRO A 301 -9.66 6.97 -2.28
N HIS A 302 -10.40 7.29 -1.21
CA HIS A 302 -10.63 6.43 -0.04
C HIS A 302 -9.42 6.33 0.88
N ARG A 303 -8.35 7.10 0.63
CA ARG A 303 -7.20 7.17 1.53
C ARG A 303 -7.27 8.49 2.30
N PHE A 304 -7.80 8.45 3.50
CA PHE A 304 -7.96 9.65 4.34
C PHE A 304 -8.35 10.87 3.48
N GLU A 305 -9.46 10.70 2.76
CA GLU A 305 -9.90 11.61 1.73
C GLU A 305 -10.99 12.52 2.28
N VAL A 306 -10.78 13.84 2.21
CA VAL A 306 -11.79 14.80 2.62
C VAL A 306 -12.84 14.88 1.52
N VAL A 307 -14.03 14.36 1.77
CA VAL A 307 -15.07 14.35 0.76
C VAL A 307 -16.02 15.52 0.93
N LEU A 308 -16.03 16.16 2.09
CA LEU A 308 -16.93 17.29 2.34
C LEU A 308 -16.35 18.10 3.48
N GLU A 309 -16.25 19.40 3.29
CA GLU A 309 -15.94 20.32 4.38
C GLU A 309 -17.00 21.40 4.30
N HIS A 310 -17.95 21.36 5.23
CA HIS A 310 -19.03 22.32 5.23
C HIS A 310 -19.47 22.57 6.66
N ASN A 311 -19.79 23.84 6.94
CA ASN A 311 -20.26 24.26 8.26
C ASN A 311 -19.26 23.87 9.35
N GLY A 312 -17.97 23.92 9.01
CA GLY A 312 -16.92 23.66 9.95
C GLY A 312 -16.72 22.22 10.31
N VAL A 313 -17.33 21.29 9.57
CA VAL A 313 -17.21 19.86 9.83
C VAL A 313 -16.52 19.25 8.62
N ARG A 314 -15.44 18.49 8.87
CA ARG A 314 -14.71 17.79 7.82
C ARG A 314 -15.14 16.32 7.83
N TRP A 315 -15.59 15.82 6.69
CA TRP A 315 -16.09 14.45 6.55
C TRP A 315 -15.01 13.69 5.77
N ILE A 316 -14.38 12.71 6.41
CA ILE A 316 -13.20 12.09 5.85
C ILE A 316 -13.45 10.62 5.55
N ASN A 317 -13.32 10.27 4.28
CA ASN A 317 -13.46 8.91 3.75
C ASN A 317 -12.10 8.25 3.82
N ASP A 318 -11.89 7.41 4.83
CA ASP A 318 -10.71 6.55 4.95
C ASP A 318 -11.13 5.09 4.83
N SER A 319 -12.04 4.82 3.89
CA SER A 319 -12.55 3.45 3.70
C SER A 319 -11.43 2.46 3.39
N LYS A 320 -10.32 2.91 2.78
CA LYS A 320 -9.27 1.93 2.53
C LYS A 320 -8.52 1.54 3.78
N ALA A 321 -8.88 2.09 4.97
CA ALA A 321 -8.29 1.63 6.23
C ALA A 321 -8.97 0.31 6.61
N THR A 322 -8.50 -0.76 6.02
CA THR A 322 -9.11 -2.07 6.20
C THR A 322 -8.43 -2.88 7.29
N ASN A 323 -7.47 -2.29 8.00
CA ASN A 323 -6.68 -2.96 9.01
C ASN A 323 -6.39 -1.97 10.14
N VAL A 324 -5.93 -2.51 11.26
CA VAL A 324 -5.72 -1.69 12.46
C VAL A 324 -4.59 -0.68 12.24
N GLY A 325 -3.50 -1.11 11.57
CA GLY A 325 -2.38 -0.21 11.37
C GLY A 325 -2.76 1.06 10.64
N SER A 326 -3.66 0.96 9.67
CA SER A 326 -4.11 2.12 8.90
C SER A 326 -4.89 3.10 9.77
N THR A 327 -5.79 2.58 10.61
CA THR A 327 -6.59 3.44 11.48
C THR A 327 -5.75 4.02 12.60
N GLU A 328 -4.81 3.23 13.14
CA GLU A 328 -3.91 3.76 14.17
C GLU A 328 -3.15 4.96 13.64
N ALA A 329 -2.67 4.88 12.39
CA ALA A 329 -1.95 5.99 11.78
C ALA A 329 -2.86 7.18 11.54
N ALA A 330 -4.13 6.95 11.19
CA ALA A 330 -5.09 8.04 11.08
C ALA A 330 -5.29 8.76 12.42
N LEU A 331 -5.32 8.01 13.52
CA LEU A 331 -5.62 8.63 14.81
C LEU A 331 -4.39 9.28 15.42
N ASN A 332 -3.20 8.79 15.12
CA ASN A 332 -1.97 9.32 15.70
C ASN A 332 -1.67 10.74 15.20
N GLY A 333 -1.55 11.69 16.13
CA GLY A 333 -1.34 13.09 15.76
C GLY A 333 -2.54 13.76 15.11
N LEU A 334 -3.73 13.17 15.21
CA LEU A 334 -4.90 13.69 14.53
C LEU A 334 -5.27 15.08 15.05
N HIS A 335 -5.58 15.99 14.12
CA HIS A 335 -5.87 17.39 14.45
C HIS A 335 -7.37 17.63 14.34
N VAL A 336 -8.03 17.82 15.49
CA VAL A 336 -9.47 18.08 15.53
C VAL A 336 -9.78 19.14 16.59
N ASP A 337 -10.40 20.24 16.15
CA ASP A 337 -10.73 21.31 17.08
C ASP A 337 -11.89 20.95 18.01
N GLY A 338 -12.93 20.31 17.49
CA GLY A 338 -14.08 19.96 18.33
C GLY A 338 -14.11 18.48 18.64
N THR A 339 -15.19 17.80 18.24
CA THR A 339 -15.36 16.37 18.50
C THR A 339 -15.02 15.51 17.29
N LEU A 340 -14.32 14.41 17.54
CA LEU A 340 -14.10 13.38 16.53
C LEU A 340 -15.26 12.39 16.62
N HIS A 341 -15.98 12.21 15.53
CA HIS A 341 -17.01 11.18 15.42
C HIS A 341 -16.38 10.09 14.56
N LEU A 342 -16.03 8.97 15.18
CA LEU A 342 -15.21 7.95 14.55
C LEU A 342 -16.10 6.75 14.21
N LEU A 343 -16.12 6.38 12.91
CA LEU A 343 -16.89 5.24 12.40
C LEU A 343 -15.96 4.05 12.23
N LEU A 344 -16.19 3.01 13.03
CA LEU A 344 -15.42 1.78 13.02
C LEU A 344 -16.37 0.64 12.68
N GLY A 345 -15.98 -0.28 11.82
CA GLY A 345 -16.86 -1.41 11.65
C GLY A 345 -16.63 -2.18 10.37
N GLY A 346 -17.30 -3.34 10.34
CA GLY A 346 -17.17 -4.30 9.27
C GLY A 346 -16.64 -5.63 9.78
N ASP A 347 -15.92 -6.32 8.91
CA ASP A 347 -15.32 -7.62 9.20
C ASP A 347 -13.86 -7.39 9.58
N GLY A 348 -13.57 -7.46 10.88
CA GLY A 348 -12.23 -7.20 11.36
C GLY A 348 -11.24 -8.34 11.26
N LYS A 349 -11.65 -9.51 10.74
CA LYS A 349 -10.71 -10.59 10.40
C LYS A 349 -9.86 -11.00 11.62
N SER A 350 -10.48 -10.98 12.80
CA SER A 350 -9.89 -11.45 14.04
C SER A 350 -8.78 -10.53 14.56
N ALA A 351 -8.71 -9.30 14.05
CA ALA A 351 -7.66 -8.39 14.47
C ALA A 351 -7.69 -8.14 15.98
N ASP A 352 -6.53 -7.81 16.52
CA ASP A 352 -6.43 -7.23 17.86
C ASP A 352 -6.67 -5.73 17.73
N PHE A 353 -7.82 -5.25 18.21
CA PHE A 353 -8.11 -3.83 18.20
C PHE A 353 -7.55 -3.08 19.40
N SER A 354 -6.96 -3.78 20.37
CA SER A 354 -6.39 -3.13 21.55
C SER A 354 -5.57 -1.89 21.24
N PRO A 355 -4.68 -1.91 20.25
CA PRO A 355 -3.87 -0.71 19.97
C PRO A 355 -4.68 0.56 19.79
N LEU A 356 -5.93 0.48 19.33
CA LEU A 356 -6.69 1.70 19.11
C LEU A 356 -7.09 2.36 20.41
N ALA A 357 -7.23 1.58 21.49
CA ALA A 357 -7.70 2.13 22.75
C ALA A 357 -6.87 3.33 23.19
N ARG A 358 -5.54 3.25 23.00
CA ARG A 358 -4.66 4.33 23.45
C ARG A 358 -5.16 5.70 23.00
N TYR A 359 -5.77 5.79 21.82
CA TYR A 359 -6.16 7.05 21.23
C TYR A 359 -7.60 7.46 21.55
N LEU A 360 -8.36 6.59 22.20
CA LEU A 360 -9.80 6.79 22.33
C LEU A 360 -10.22 7.36 23.68
N ASN A 361 -9.28 7.84 24.48
CA ASN A 361 -9.65 8.60 25.66
C ASN A 361 -9.82 10.06 25.28
N GLY A 362 -10.16 10.87 26.25
CA GLY A 362 -10.46 12.25 25.95
C GLY A 362 -11.95 12.48 25.85
N ASP A 363 -12.38 13.66 26.26
CA ASP A 363 -13.79 14.02 26.28
C ASP A 363 -14.30 14.52 24.93
N ASN A 364 -13.53 14.34 23.87
CA ASN A 364 -13.92 14.85 22.56
C ASN A 364 -13.92 13.74 21.52
N VAL A 365 -14.31 12.53 21.92
CA VAL A 365 -14.40 11.38 21.01
C VAL A 365 -15.74 10.68 21.19
N ARG A 366 -16.38 10.35 20.08
CA ARG A 366 -17.58 9.52 20.06
C ARG A 366 -17.32 8.41 19.05
N LEU A 367 -17.68 7.18 19.42
CA LEU A 367 -17.51 6.02 18.55
C LEU A 367 -18.86 5.58 18.01
N TYR A 368 -18.89 5.23 16.73
CA TYR A 368 -20.10 4.75 16.08
C TYR A 368 -19.68 3.47 15.36
N CYS A 369 -20.10 2.34 15.89
CA CYS A 369 -19.56 1.04 15.51
C CYS A 369 -20.63 0.21 14.79
N PHE A 370 -20.26 -0.45 13.70
CA PHE A 370 -21.26 -1.12 12.87
C PHE A 370 -20.65 -2.38 12.25
N GLY A 371 -21.50 -3.11 11.52
CA GLY A 371 -21.06 -4.27 10.78
C GLY A 371 -20.80 -5.45 11.67
N ARG A 372 -20.19 -6.47 11.05
CA ARG A 372 -20.04 -7.76 11.69
C ARG A 372 -19.44 -7.63 13.09
N ASP A 373 -18.43 -6.80 13.24
CA ASP A 373 -17.64 -6.74 14.47
C ASP A 373 -17.91 -5.48 15.28
N GLY A 374 -19.07 -4.85 15.06
CA GLY A 374 -19.38 -3.61 15.76
C GLY A 374 -19.33 -3.74 17.27
N ALA A 375 -19.82 -4.86 17.83
CA ALA A 375 -19.83 -4.97 19.29
C ALA A 375 -18.42 -4.98 19.85
N GLN A 376 -17.49 -5.65 19.16
CA GLN A 376 -16.11 -5.70 19.61
C GLN A 376 -15.49 -4.31 19.61
N LEU A 377 -15.83 -3.50 18.60
CA LEU A 377 -15.28 -2.16 18.51
C LEU A 377 -15.90 -1.23 19.55
N ALA A 378 -17.21 -1.35 19.80
CA ALA A 378 -17.81 -0.55 20.86
C ALA A 378 -17.14 -0.83 22.21
N ALA A 379 -16.62 -2.04 22.41
CA ALA A 379 -16.01 -2.42 23.68
C ALA A 379 -14.72 -1.66 23.96
N LEU A 380 -14.08 -1.08 22.95
CA LEU A 380 -12.90 -0.27 23.20
C LEU A 380 -13.17 0.78 24.27
N ARG A 381 -14.34 1.41 24.22
CA ARG A 381 -14.73 2.38 25.23
C ARG A 381 -16.25 2.55 25.24
N PRO A 382 -16.98 1.69 25.96
CA PRO A 382 -18.44 1.65 25.80
C PRO A 382 -19.14 2.96 26.13
N GLU A 383 -18.61 3.77 27.06
CA GLU A 383 -19.37 4.92 27.52
C GLU A 383 -19.53 5.99 26.45
N VAL A 384 -18.68 5.99 25.43
CA VAL A 384 -18.75 6.96 24.34
C VAL A 384 -19.14 6.30 23.02
N ALA A 385 -19.58 5.03 23.06
CA ALA A 385 -19.80 4.25 21.85
C ALA A 385 -21.27 3.99 21.63
N GLU A 386 -21.70 4.03 20.38
CA GLU A 386 -22.98 3.52 19.93
C GLU A 386 -22.72 2.41 18.92
N GLN A 387 -23.67 1.49 18.80
CA GLN A 387 -23.56 0.38 17.86
C GLN A 387 -24.81 0.34 17.00
N THR A 388 -24.61 0.22 15.68
CA THR A 388 -25.69 0.04 14.72
C THR A 388 -25.34 -1.15 13.83
N GLU A 389 -26.31 -1.59 13.04
CA GLU A 389 -26.01 -2.64 12.05
C GLU A 389 -25.18 -2.08 10.91
N THR A 390 -25.58 -0.94 10.34
CA THR A 390 -24.97 -0.43 9.12
C THR A 390 -24.29 0.93 9.31
N MET A 391 -23.43 1.24 8.34
CA MET A 391 -22.76 2.53 8.30
C MET A 391 -23.77 3.65 8.14
N GLU A 392 -24.75 3.49 7.24
CA GLU A 392 -25.75 4.54 7.07
C GLU A 392 -26.50 4.82 8.37
N GLN A 393 -26.89 3.78 9.11
CA GLN A 393 -27.53 3.99 10.40
C GLN A 393 -26.65 4.78 11.35
N ALA A 394 -25.35 4.46 11.38
CA ALA A 394 -24.41 5.16 12.25
C ALA A 394 -24.26 6.63 11.85
N MET A 395 -24.22 6.90 10.54
CA MET A 395 -24.10 8.29 10.09
C MET A 395 -25.36 9.09 10.39
N ARG A 396 -26.54 8.47 10.29
CA ARG A 396 -27.76 9.18 10.62
C ARG A 396 -27.84 9.44 12.13
N LEU A 397 -27.17 8.61 12.93
CA LEU A 397 -27.12 8.88 14.37
C LEU A 397 -26.27 10.10 14.68
N LEU A 398 -25.12 10.22 14.03
CA LEU A 398 -24.16 11.24 14.41
C LEU A 398 -24.48 12.57 13.74
N ALA A 399 -25.16 12.55 12.60
CA ALA A 399 -25.36 13.77 11.82
C ALA A 399 -26.01 14.89 12.62
N PRO A 400 -27.08 14.68 13.39
CA PRO A 400 -27.67 15.80 14.13
C PRO A 400 -26.81 16.27 15.30
N ARG A 401 -25.69 15.64 15.58
CA ARG A 401 -24.88 16.01 16.72
C ARG A 401 -23.65 16.83 16.35
N VAL A 402 -23.28 16.85 15.07
CA VAL A 402 -22.03 17.50 14.70
C VAL A 402 -22.18 19.01 14.83
N GLN A 403 -21.05 19.66 15.10
CA GLN A 403 -20.96 21.10 15.34
C GLN A 403 -19.70 21.58 14.62
N PRO A 404 -19.61 22.87 14.31
CA PRO A 404 -18.36 23.39 13.73
C PRO A 404 -17.18 23.04 14.61
N GLY A 405 -16.11 22.58 13.96
CA GLY A 405 -14.92 22.09 14.61
C GLY A 405 -14.82 20.58 14.64
N ASP A 406 -15.91 19.89 14.32
CA ASP A 406 -15.93 18.44 14.43
C ASP A 406 -15.32 17.77 13.18
N MET A 407 -14.97 16.51 13.35
CA MET A 407 -14.51 15.68 12.26
C MET A 407 -15.36 14.41 12.27
N VAL A 408 -15.82 13.98 11.10
CA VAL A 408 -16.49 12.69 10.94
C VAL A 408 -15.53 11.84 10.11
N LEU A 409 -14.95 10.82 10.75
CA LEU A 409 -13.90 9.99 10.14
C LEU A 409 -14.39 8.56 9.94
N LEU A 410 -14.52 8.12 8.69
CA LEU A 410 -14.74 6.70 8.38
C LEU A 410 -13.36 6.09 8.23
N SER A 411 -12.89 5.43 9.28
CA SER A 411 -11.60 4.73 9.26
C SER A 411 -11.89 3.38 9.91
N PRO A 412 -12.43 2.43 9.15
CA PRO A 412 -13.18 1.31 9.77
C PRO A 412 -12.32 0.29 10.48
N ALA A 413 -11.02 0.20 10.17
CA ALA A 413 -10.08 -0.78 10.69
C ALA A 413 -10.45 -2.21 10.30
N CYS A 414 -11.35 -2.36 9.32
CA CYS A 414 -11.99 -3.62 8.97
C CYS A 414 -12.22 -3.72 7.47
N ALA A 415 -12.30 -4.95 6.97
CA ALA A 415 -12.74 -5.19 5.62
C ALA A 415 -14.23 -4.82 5.47
N SER A 416 -14.63 -4.56 4.24
CA SER A 416 -15.98 -4.11 3.92
C SER A 416 -16.92 -5.22 3.48
N LEU A 417 -16.43 -6.44 3.28
CA LEU A 417 -17.16 -7.43 2.52
C LEU A 417 -18.36 -8.03 3.25
N ASP A 418 -18.54 -7.76 4.54
CA ASP A 418 -19.75 -8.20 5.20
C ASP A 418 -20.98 -7.45 4.69
N GLN A 419 -20.81 -6.19 4.23
CA GLN A 419 -21.92 -5.35 3.82
C GLN A 419 -21.77 -4.67 2.47
N PHE A 420 -20.58 -4.67 1.87
CA PHE A 420 -20.33 -3.96 0.63
C PHE A 420 -19.61 -4.86 -0.36
N LYS A 421 -19.67 -4.48 -1.64
CA LYS A 421 -18.93 -5.20 -2.66
C LYS A 421 -17.42 -5.07 -2.47
N ASN A 422 -16.94 -3.93 -2.00
CA ASN A 422 -15.52 -3.67 -1.81
C ASN A 422 -15.39 -2.34 -1.06
N PHE A 423 -14.16 -1.97 -0.70
CA PHE A 423 -13.97 -0.75 0.09
C PHE A 423 -14.30 0.52 -0.71
N GLU A 424 -14.21 0.45 -2.04
CA GLU A 424 -14.59 1.60 -2.86
C GLU A 424 -16.07 1.84 -2.76
N GLN A 425 -16.86 0.77 -2.74
CA GLN A 425 -18.30 0.98 -2.60
C GLN A 425 -18.62 1.58 -1.24
N ARG A 426 -17.94 1.09 -0.19
CA ARG A 426 -18.14 1.64 1.14
C ARG A 426 -17.79 3.13 1.20
N GLY A 427 -16.65 3.51 0.62
CA GLY A 427 -16.26 4.91 0.62
C GLY A 427 -17.18 5.79 -0.22
N ASN A 428 -17.64 5.26 -1.37
CA ASN A 428 -18.57 6.03 -2.20
C ASN A 428 -19.90 6.21 -1.50
N GLU A 429 -20.35 5.20 -0.76
CA GLU A 429 -21.58 5.34 0.00
C GLU A 429 -21.40 6.38 1.13
N PHE A 430 -20.24 6.37 1.79
CA PHE A 430 -19.98 7.36 2.82
C PHE A 430 -20.00 8.77 2.22
N ALA A 431 -19.37 8.95 1.07
CA ALA A 431 -19.37 10.28 0.45
C ALA A 431 -20.79 10.71 0.09
N ARG A 432 -21.59 9.80 -0.44
CA ARG A 432 -22.99 10.12 -0.76
C ARG A 432 -23.77 10.55 0.48
N LEU A 433 -23.62 9.80 1.57
CA LEU A 433 -24.34 10.12 2.79
C LEU A 433 -23.82 11.38 3.45
N ALA A 434 -22.51 11.62 3.40
CA ALA A 434 -21.97 12.84 3.97
C ALA A 434 -22.59 14.05 3.29
N LYS A 435 -22.76 13.99 1.97
CA LYS A 435 -23.35 15.11 1.24
C LYS A 435 -24.83 15.23 1.56
N GLU A 436 -25.52 14.10 1.63
CA GLU A 436 -26.94 14.11 2.01
C GLU A 436 -27.14 14.70 3.40
N LEU A 437 -26.30 14.31 4.35
CA LEU A 437 -26.49 14.64 5.76
C LEU A 437 -25.73 15.86 6.23
N GLY A 438 -24.69 16.29 5.52
CA GLY A 438 -23.88 17.38 5.99
C GLY A 438 -23.70 18.54 5.02
N GLY A 439 -24.40 18.48 3.90
CA GLY A 439 -24.23 19.47 2.86
C GLY A 439 -25.28 20.55 2.91
N HIS A 440 -26.50 20.20 3.32
CA HIS A 440 -27.59 21.16 3.47
C HIS A 440 -28.09 21.63 2.10
PB ADP B . -1.20 0.57 0.36
O1B ADP B . -1.03 0.87 -1.11
O2B ADP B . 0.05 0.18 1.08
O3B ADP B . -2.40 -0.33 0.59
PA ADP B . -2.54 3.23 0.60
O1A ADP B . -1.67 4.44 0.25
O2A ADP B . -3.52 2.66 -0.40
O3A ADP B . -1.59 2.00 1.06
O5' ADP B . -3.27 3.52 1.99
C5' ADP B . -4.09 2.46 2.56
C4' ADP B . -4.60 2.86 3.94
O4' ADP B . -3.46 3.10 4.80
C3' ADP B . -5.43 4.13 3.98
O3' ADP B . -6.32 3.99 5.10
C2' ADP B . -4.40 5.20 4.27
O2' ADP B . -4.90 6.34 4.93
C1' ADP B . -3.48 4.45 5.23
N9 ADP B . -2.10 4.94 5.22
C8 ADP B . -1.54 5.74 4.30
N7 ADP B . -0.26 5.99 4.57
C5 ADP B . 0.00 5.36 5.74
C6 ADP B . 1.18 5.22 6.60
N6 ADP B . 2.31 5.84 6.28
N1 ADP B . 1.09 4.48 7.71
C2 ADP B . -0.07 3.86 8.04
N3 ADP B . -1.19 3.95 7.30
C4 ADP B . -1.20 4.66 6.16
MG MG C . -1.38 -0.70 -2.69
MG MG D . -14.74 -12.94 12.37
MG MG E . 9.23 6.33 18.50
CA CA F . -3.11 -19.66 -7.91
CA CA G . -27.07 -3.09 16.84
CA CA H . -12.56 -4.50 1.81
C1 MPD I . 16.78 8.49 16.28
C2 MPD I . 16.43 8.55 14.81
O2 MPD I . 15.62 9.71 14.61
CM MPD I . 15.61 7.31 14.44
C3 MPD I . 17.75 8.61 14.02
C4 MPD I . 17.66 8.54 12.49
O4 MPD I . 17.24 7.24 12.08
C5 MPD I . 16.72 9.60 11.98
S DMS J . 16.32 -7.77 -4.23
O DMS J . 16.27 -8.40 -5.56
C1 DMS J . 16.93 -8.99 -3.08
C2 DMS J . 14.65 -7.70 -3.62
#